data_8ZMR
#
_entry.id   8ZMR
#
_cell.length_a   1.00
_cell.length_b   1.00
_cell.length_c   1.00
_cell.angle_alpha   90.00
_cell.angle_beta   90.00
_cell.angle_gamma   90.00
#
_symmetry.space_group_name_H-M   'P 1'
#
loop_
_entity.id
_entity.type
_entity.pdbx_description
1 polymer 'Maltose/maltodextrin-binding periplasmic protein,Vesicular acetylcholine transporter,DARPinoff7'
2 non-polymer vesamicol
#
_entity_poly.entity_id   1
_entity_poly.type   'polypeptide(L)'
_entity_poly.pdbx_seq_one_letter_code
;MEEGKLVIWINGDKGYNGLAEVGKKFEKDTGIKVTVEHPDKLEEKFPQVAATGDGPDIIFWAHDRFGGYAQSGLLAEITP
DKAFQDKLYPFTWDAVRYNGKLIAYPIAVEALSLIYNKDLLPNPPKTWEEIPALDKELKAKGKSALMFNLQEPYFTWPLI
AADGGYAFKYENGKYDIKDVGVDNAGAKAGLTFLIDLIKNKHMNADTDYSIAEAAFNKGETAMTINGPWAWSNIDTSKVN
YGVTVLPTFKGQPSKPFVGVLSAGINAASPNKELAKEFLENYLLTDEGLEAVNKDKPLGAVALKSYEEELVKDPRVAATM
ENAQKGEIMPNIPQMSAFWYAVRTAVINAASGRQTVDAALAAAQAEEEKRKAEEEKRKLVLVIVCVALLLDNMLYMVIVP
IVPDYIAHMRGGGEGPTRTPEVWEPTLPLPTPANASAYTANTSASPTAAWPAGSALRPRYPTESEDVKIGVLFASKAILQ
LLVNPLSGPFIDRMSYDVPLLIGLGVMFASTVLFAFAEDYATLFAARSLQGLGSAFADTSGIAMIADKYPEEPERSRALG
VALAFISFGSLVAPPFGGILYEFAGKRVPFLVLAAVSLFDALLLLAVAKPFSAAARARANLPVGTPIHRLMLDPYIAVVA
GALTTCNIPLAFLEPTIATWMKHTMAASEWEMGMAWLPAFVPHVLGVYLTVRLAARYPHLQWLYGALGLAVIGASSCIVP
ACRSFAPLVVSLCGLCFGIALVDTALLPTLAFLVDVRHVSVYGSVYAIADISYSVAYALGPIVAGHIVHSLGFEQLSLGM
GLANLLYAPVLLLLRNVGLLTRSRSERDVLLDEPPQGLYDAVRLRERPVSGQDGEPRSPPGPFDECEDDGGGGSGGGGSD
LGRKLLEAARAGQLDEVRILLANGADVNAADNTGTTPLHLAAYSGHLEIVEVLLKHGADVDASDVFGYTPLHLAAYWGHL
EIVEVLLKNGADVNAMDSDGMTPLHLAAKWGYLEIVEVLLKHGADVNAQDKFGKTAFDISIDNGNEDLAEILQKLNLEGG
SLEVLFQ
;
_entity_poly.pdbx_strand_id   A
#
# COMPACT_ATOMS: atom_id res chain seq x y z
N ALA A 365 29.33 -11.26 27.24
CA ALA A 365 28.19 -11.59 26.40
C ALA A 365 27.65 -10.35 25.70
N GLU A 366 28.53 -9.39 25.42
CA GLU A 366 28.11 -8.18 24.73
C GLU A 366 27.90 -8.44 23.23
N GLU A 367 28.79 -9.22 22.61
CA GLU A 367 28.65 -9.47 21.19
C GLU A 367 27.50 -10.44 20.90
N GLU A 368 27.27 -11.39 21.81
CA GLU A 368 26.04 -12.19 21.76
C GLU A 368 24.81 -11.31 21.90
N LYS A 369 24.89 -10.28 22.76
CA LYS A 369 23.77 -9.35 22.93
C LYS A 369 23.52 -8.54 21.67
N ARG A 370 24.59 -8.09 21.01
CA ARG A 370 24.42 -7.30 19.79
C ARG A 370 23.93 -8.15 18.63
N LYS A 371 24.44 -9.39 18.51
CA LYS A 371 23.96 -10.29 17.48
C LYS A 371 22.51 -10.68 17.71
N ALA A 372 22.12 -10.96 18.96
CA ALA A 372 20.74 -11.31 19.24
C ALA A 372 19.81 -10.10 19.10
N GLU A 373 20.33 -8.90 19.35
CA GLU A 373 19.58 -7.67 19.04
C GLU A 373 19.31 -7.59 17.55
N GLU A 374 20.33 -7.88 16.73
CA GLU A 374 20.12 -7.89 15.29
C GLU A 374 19.17 -9.00 14.85
N GLU A 375 19.20 -10.14 15.53
CA GLU A 375 18.29 -11.23 15.18
C GLU A 375 16.85 -10.88 15.49
N LYS A 376 16.60 -10.30 16.68
CA LYS A 376 15.24 -9.87 17.02
C LYS A 376 14.78 -8.75 16.10
N ARG A 377 15.69 -7.87 15.70
CA ARG A 377 15.30 -6.76 14.84
C ARG A 377 15.00 -7.24 13.42
N LYS A 378 15.80 -8.17 12.90
CA LYS A 378 15.55 -8.74 11.59
C LYS A 378 14.32 -9.62 11.57
N LEU A 379 14.06 -10.34 12.67
CA LEU A 379 12.83 -11.11 12.81
C LEU A 379 11.61 -10.21 12.85
N VAL A 380 11.71 -9.06 13.51
CA VAL A 380 10.57 -8.13 13.51
C VAL A 380 10.36 -7.55 12.12
N LEU A 381 11.44 -7.28 11.38
CA LEU A 381 11.30 -6.82 10.00
C LEU A 381 10.63 -7.87 9.11
N VAL A 382 11.10 -9.12 9.19
CA VAL A 382 10.54 -10.19 8.37
C VAL A 382 9.09 -10.46 8.73
N ILE A 383 8.77 -10.49 10.02
CA ILE A 383 7.41 -10.74 10.48
C ILE A 383 6.47 -9.61 10.08
N VAL A 384 6.94 -8.37 10.16
CA VAL A 384 6.08 -7.25 9.78
C VAL A 384 5.90 -7.19 8.27
N CYS A 385 6.92 -7.55 7.50
CA CYS A 385 6.77 -7.63 6.05
C CYS A 385 5.81 -8.75 5.66
N VAL A 386 5.83 -9.86 6.37
CA VAL A 386 4.90 -10.95 6.08
C VAL A 386 3.49 -10.57 6.53
N ALA A 387 3.35 -9.77 7.58
CA ALA A 387 2.04 -9.25 7.96
C ALA A 387 1.49 -8.29 6.89
N LEU A 388 2.37 -7.49 6.30
CA LEU A 388 1.97 -6.64 5.18
C LEU A 388 1.57 -7.47 3.98
N LEU A 389 2.30 -8.56 3.71
CA LEU A 389 1.93 -9.51 2.66
C LEU A 389 0.55 -10.09 2.90
N LEU A 390 0.26 -10.48 4.14
CA LEU A 390 -1.02 -11.09 4.44
C LEU A 390 -2.16 -10.10 4.27
N ASP A 391 -1.93 -8.86 4.68
CA ASP A 391 -2.99 -7.85 4.56
C ASP A 391 -3.25 -7.49 3.10
N ASN A 392 -2.20 -7.32 2.31
CA ASN A 392 -2.40 -6.97 0.91
C ASN A 392 -2.91 -8.16 0.11
N MET A 393 -2.50 -9.37 0.48
CA MET A 393 -3.07 -10.58 -0.10
C MET A 393 -4.56 -10.65 0.16
N LEU A 394 -4.98 -10.35 1.40
CA LEU A 394 -6.40 -10.29 1.72
C LEU A 394 -7.14 -9.31 0.83
N TYR A 395 -6.58 -8.10 0.69
CA TYR A 395 -7.20 -7.05 -0.12
C TYR A 395 -7.38 -7.38 -1.59
N MET A 396 -6.30 -7.78 -2.26
CA MET A 396 -6.39 -8.05 -3.67
C MET A 396 -6.92 -9.44 -3.99
N VAL A 397 -7.12 -10.30 -3.00
CA VAL A 397 -7.81 -11.56 -3.25
C VAL A 397 -9.32 -11.42 -3.05
N ILE A 398 -9.76 -10.57 -2.12
CA ILE A 398 -11.20 -10.40 -1.99
C ILE A 398 -11.81 -9.41 -2.97
N VAL A 399 -11.00 -8.64 -3.70
CA VAL A 399 -11.57 -7.78 -4.75
C VAL A 399 -12.37 -8.55 -5.80
N PRO A 400 -11.90 -9.69 -6.37
CA PRO A 400 -12.77 -10.36 -7.34
C PRO A 400 -13.93 -11.15 -6.76
N ILE A 401 -13.86 -11.63 -5.51
CA ILE A 401 -14.83 -12.63 -5.08
C ILE A 401 -16.14 -12.07 -4.54
N VAL A 402 -16.23 -10.76 -4.29
CA VAL A 402 -17.43 -10.14 -3.74
C VAL A 402 -18.64 -10.21 -4.67
N PRO A 403 -18.59 -9.86 -6.01
CA PRO A 403 -19.85 -9.82 -6.77
C PRO A 403 -20.51 -11.16 -7.08
N ASP A 404 -20.01 -12.25 -6.50
CA ASP A 404 -20.79 -13.49 -6.48
C ASP A 404 -21.99 -13.42 -5.56
N TYR A 405 -22.07 -12.40 -4.71
CA TYR A 405 -23.00 -12.40 -3.59
C TYR A 405 -23.84 -11.13 -3.56
N ILE A 406 -24.51 -10.85 -4.67
CA ILE A 406 -25.65 -9.97 -4.61
C ILE A 406 -26.89 -10.86 -4.67
N VAL A 467 -22.13 -0.36 -7.97
CA VAL A 467 -23.16 0.50 -7.41
C VAL A 467 -23.11 0.46 -5.88
N LYS A 468 -23.42 -0.69 -5.29
CA LYS A 468 -23.32 -0.90 -3.86
C LYS A 468 -22.12 -1.75 -3.49
N ILE A 469 -21.25 -2.04 -4.46
CA ILE A 469 -20.05 -2.84 -4.24
C ILE A 469 -18.80 -1.98 -4.34
N GLY A 470 -18.81 -1.03 -5.27
CA GLY A 470 -17.84 0.04 -5.24
C GLY A 470 -17.88 0.82 -3.94
N VAL A 471 -19.08 0.97 -3.36
CA VAL A 471 -19.16 1.62 -2.05
C VAL A 471 -18.68 0.67 -0.96
N LEU A 472 -18.64 -0.64 -1.21
CA LEU A 472 -18.06 -1.55 -0.23
C LEU A 472 -16.54 -1.40 -0.20
N PHE A 473 -15.92 -1.35 -1.39
CA PHE A 473 -14.47 -1.19 -1.48
C PHE A 473 -14.06 0.19 -0.95
N ALA A 474 -14.76 1.23 -1.40
CA ALA A 474 -14.49 2.56 -0.90
C ALA A 474 -14.94 2.77 0.52
N SER A 475 -15.76 1.89 1.09
CA SER A 475 -16.13 2.03 2.49
C SER A 475 -15.08 1.43 3.40
N LYS A 476 -14.45 0.34 2.97
CA LYS A 476 -13.14 -0.04 3.52
C LYS A 476 -12.20 1.15 3.57
N ALA A 477 -11.94 1.75 2.42
CA ALA A 477 -10.94 2.80 2.42
C ALA A 477 -11.42 4.09 3.09
N ILE A 478 -12.73 4.35 3.11
CA ILE A 478 -13.19 5.60 3.72
C ILE A 478 -13.35 5.45 5.22
N LEU A 479 -13.48 4.21 5.66
CA LEU A 479 -13.51 3.88 7.07
C LEU A 479 -12.06 4.08 7.51
N GLN A 480 -11.12 3.61 6.67
CA GLN A 480 -9.70 3.80 6.96
C GLN A 480 -9.36 5.27 7.09
N LEU A 481 -9.91 6.11 6.19
CA LEU A 481 -9.82 7.57 6.32
C LEU A 481 -10.51 8.09 7.59
N LEU A 482 -11.48 7.36 8.11
CA LEU A 482 -12.08 7.71 9.39
C LEU A 482 -11.15 7.39 10.55
N VAL A 483 -10.58 6.19 10.56
CA VAL A 483 -9.95 5.72 11.78
C VAL A 483 -8.48 6.10 11.88
N ASN A 484 -7.71 6.12 10.77
CA ASN A 484 -6.30 6.46 10.97
C ASN A 484 -5.94 7.91 11.36
N PRO A 485 -6.74 8.97 11.13
CA PRO A 485 -6.36 10.23 11.80
C PRO A 485 -6.62 10.14 13.27
N LEU A 486 -7.54 9.28 13.69
CA LEU A 486 -7.70 9.03 15.11
C LEU A 486 -6.69 7.99 15.58
N SER A 487 -6.39 6.99 14.75
CA SER A 487 -5.47 5.94 15.17
C SER A 487 -4.04 6.43 15.29
N GLY A 488 -3.66 7.44 14.50
CA GLY A 488 -2.33 8.03 14.53
C GLY A 488 -1.86 8.47 15.91
N PRO A 489 -2.64 9.32 16.57
CA PRO A 489 -2.41 9.55 18.01
C PRO A 489 -2.48 8.29 18.85
N PHE A 490 -3.48 7.42 18.63
CA PHE A 490 -3.55 6.18 19.40
C PHE A 490 -2.44 5.20 19.05
N ILE A 491 -1.70 5.41 17.95
CA ILE A 491 -0.47 4.67 17.71
C ILE A 491 0.71 5.32 18.41
N ASP A 492 0.81 6.65 18.38
CA ASP A 492 1.95 7.30 19.02
C ASP A 492 1.86 7.36 20.54
N ARG A 493 0.73 7.01 21.14
CA ARG A 493 0.66 6.92 22.60
C ARG A 493 1.22 5.61 23.14
N MET A 494 1.79 4.75 22.31
CA MET A 494 2.12 3.40 22.74
C MET A 494 3.20 2.84 21.83
N SER A 495 4.01 1.95 22.38
CA SER A 495 4.98 1.20 21.58
C SER A 495 4.25 0.39 20.53
N TYR A 496 4.82 0.36 19.33
CA TYR A 496 4.05 0.05 18.12
C TYR A 496 3.70 -1.43 17.99
N ASP A 497 4.35 -2.29 18.79
CA ASP A 497 4.04 -3.72 18.78
C ASP A 497 2.61 -3.99 19.21
N VAL A 498 2.05 -3.16 20.09
CA VAL A 498 0.68 -3.38 20.53
C VAL A 498 -0.30 -2.88 19.47
N PRO A 499 -0.12 -1.75 18.77
CA PRO A 499 -0.98 -1.50 17.61
C PRO A 499 -0.65 -2.31 16.37
N LEU A 500 0.34 -3.21 16.41
CA LEU A 500 0.34 -4.21 15.35
C LEU A 500 -0.34 -5.49 15.80
N LEU A 501 -0.29 -5.80 17.10
CA LEU A 501 -1.16 -6.83 17.68
C LEU A 501 -2.63 -6.54 17.39
N ILE A 502 -3.04 -5.28 17.58
CA ILE A 502 -4.42 -4.87 17.30
C ILE A 502 -4.75 -5.05 15.83
N GLY A 503 -3.80 -4.68 14.96
CA GLY A 503 -4.02 -4.78 13.54
C GLY A 503 -4.17 -6.21 13.05
N LEU A 504 -3.28 -7.10 13.49
CA LEU A 504 -3.42 -8.48 13.05
C LEU A 504 -4.57 -9.22 13.75
N GLY A 505 -4.98 -8.76 14.93
CA GLY A 505 -6.18 -9.31 15.54
C GLY A 505 -7.43 -9.00 14.74
N VAL A 506 -7.61 -7.74 14.34
CA VAL A 506 -8.79 -7.45 13.53
C VAL A 506 -8.64 -7.98 12.10
N MET A 507 -7.40 -8.21 11.64
CA MET A 507 -7.20 -8.98 10.41
C MET A 507 -7.78 -10.38 10.52
N PHE A 508 -7.48 -11.06 11.64
CA PHE A 508 -8.05 -12.39 11.87
C PHE A 508 -9.57 -12.35 11.96
N ALA A 509 -10.11 -11.31 12.62
CA ALA A 509 -11.56 -11.15 12.74
C ALA A 509 -12.22 -10.99 11.38
N SER A 510 -11.67 -10.10 10.55
CA SER A 510 -12.20 -9.88 9.21
C SER A 510 -12.06 -11.11 8.32
N THR A 511 -10.96 -11.84 8.47
CA THR A 511 -10.71 -12.95 7.57
C THR A 511 -11.62 -14.13 7.89
N VAL A 512 -11.87 -14.40 9.17
CA VAL A 512 -12.87 -15.42 9.46
C VAL A 512 -14.28 -14.92 9.17
N LEU A 513 -14.49 -13.60 9.16
CA LEU A 513 -15.79 -13.07 8.79
C LEU A 513 -16.01 -13.17 7.29
N PHE A 514 -14.92 -13.24 6.51
CA PHE A 514 -15.02 -13.65 5.11
C PHE A 514 -15.34 -15.12 4.97
N ALA A 515 -14.57 -15.95 5.67
CA ALA A 515 -14.58 -17.38 5.40
C ALA A 515 -15.89 -18.04 5.81
N PHE A 516 -16.49 -17.62 6.93
CA PHE A 516 -17.70 -18.31 7.33
C PHE A 516 -18.98 -17.61 6.89
N ALA A 517 -18.93 -16.30 6.66
CA ALA A 517 -20.13 -15.55 6.30
C ALA A 517 -20.16 -15.26 4.81
N GLU A 518 -21.38 -15.23 4.26
CA GLU A 518 -21.62 -15.16 2.83
C GLU A 518 -22.60 -14.06 2.43
N ASP A 519 -23.32 -13.47 3.38
CA ASP A 519 -24.22 -12.35 3.13
C ASP A 519 -23.42 -11.11 2.73
N TYR A 520 -24.07 -10.21 2.00
CA TYR A 520 -23.36 -9.02 1.51
C TYR A 520 -22.98 -8.06 2.62
N ALA A 521 -23.80 -7.95 3.66
CA ALA A 521 -23.53 -6.98 4.73
C ALA A 521 -22.46 -7.45 5.70
N THR A 522 -22.38 -8.76 5.96
CA THR A 522 -21.27 -9.26 6.77
C THR A 522 -19.97 -9.20 6.00
N LEU A 523 -20.01 -9.46 4.69
CA LEU A 523 -18.90 -9.17 3.79
C LEU A 523 -18.51 -7.70 3.83
N PHE A 524 -19.52 -6.82 3.87
CA PHE A 524 -19.29 -5.38 3.91
C PHE A 524 -18.60 -4.96 5.20
N ALA A 525 -19.11 -5.46 6.32
CA ALA A 525 -18.49 -5.14 7.61
C ALA A 525 -17.12 -5.76 7.73
N ALA A 526 -16.90 -6.90 7.08
CA ALA A 526 -15.59 -7.53 7.12
C ALA A 526 -14.57 -6.76 6.29
N ARG A 527 -14.97 -6.28 5.11
CA ARG A 527 -14.13 -5.40 4.31
C ARG A 527 -13.87 -4.09 5.04
N SER A 528 -14.87 -3.56 5.75
CA SER A 528 -14.69 -2.30 6.45
C SER A 528 -13.74 -2.43 7.63
N LEU A 529 -13.94 -3.53 8.37
CA LEU A 529 -13.11 -3.91 9.50
C LEU A 529 -11.71 -3.94 8.96
N GLN A 530 -11.53 -4.67 7.86
CA GLN A 530 -10.22 -4.70 7.20
C GLN A 530 -9.70 -3.31 6.92
N GLY A 531 -10.58 -2.35 6.66
CA GLY A 531 -10.11 -0.98 6.49
C GLY A 531 -9.45 -0.44 7.74
N LEU A 532 -10.10 -0.63 8.89
CA LEU A 532 -9.48 -0.21 10.15
C LEU A 532 -8.24 -1.04 10.47
N GLY A 533 -8.25 -2.32 10.06
CA GLY A 533 -7.09 -3.16 10.28
C GLY A 533 -5.91 -2.77 9.43
N SER A 534 -6.16 -2.31 8.20
CA SER A 534 -5.08 -1.76 7.40
C SER A 534 -4.52 -0.51 8.05
N ALA A 535 -5.38 0.34 8.60
CA ALA A 535 -4.93 1.53 9.31
C ALA A 535 -3.96 1.17 10.43
N PHE A 536 -4.43 0.38 11.40
CA PHE A 536 -3.60 -0.04 12.53
C PHE A 536 -2.37 -0.83 12.09
N ALA A 537 -2.57 -1.94 11.36
CA ALA A 537 -1.48 -2.86 11.05
C ALA A 537 -0.48 -2.25 10.09
N ASP A 538 -0.94 -1.69 8.97
CA ASP A 538 -0.01 -1.15 7.98
C ASP A 538 0.70 0.09 8.50
N THR A 539 -0.01 0.99 9.18
CA THR A 539 0.63 2.20 9.68
C THR A 539 1.63 1.88 10.78
N SER A 540 1.25 1.06 11.75
CA SER A 540 2.20 0.69 12.80
C SER A 540 3.30 -0.22 12.29
N GLY A 541 3.06 -0.97 11.22
CA GLY A 541 4.10 -1.83 10.69
C GLY A 541 5.18 -1.05 9.99
N ILE A 542 4.79 -0.14 9.09
CA ILE A 542 5.75 0.75 8.46
C ILE A 542 6.39 1.66 9.50
N ALA A 543 5.65 1.99 10.56
CA ALA A 543 6.19 2.83 11.61
C ALA A 543 7.26 2.11 12.44
N MET A 544 7.07 0.82 12.74
CA MET A 544 8.12 0.16 13.50
C MET A 544 9.27 -0.31 12.61
N ILE A 545 9.04 -0.44 11.30
CA ILE A 545 10.18 -0.61 10.41
C ILE A 545 11.00 0.67 10.38
N ALA A 546 10.34 1.82 10.44
CA ALA A 546 11.07 3.08 10.46
C ALA A 546 11.75 3.33 11.80
N ASP A 547 11.13 2.91 12.91
CA ASP A 547 11.78 2.98 14.21
C ASP A 547 13.00 2.06 14.28
N LYS A 548 12.78 0.75 14.12
CA LYS A 548 13.82 -0.23 14.39
C LYS A 548 14.96 -0.19 13.38
N TYR A 549 14.86 0.61 12.33
CA TYR A 549 15.97 0.94 11.45
C TYR A 549 16.18 2.45 11.49
N PRO A 550 16.87 2.96 12.52
CA PRO A 550 17.03 4.42 12.61
C PRO A 550 18.07 4.96 11.63
N GLU A 551 19.08 4.17 11.30
CA GLU A 551 20.09 4.64 10.37
C GLU A 551 19.55 4.65 8.95
N GLU A 552 19.89 5.72 8.22
CA GLU A 552 19.27 5.96 6.91
C GLU A 552 19.61 4.92 5.83
N PRO A 553 20.89 4.50 5.60
CA PRO A 553 21.14 3.55 4.50
C PRO A 553 20.58 2.16 4.74
N GLU A 554 20.13 1.86 5.96
CA GLU A 554 19.43 0.60 6.20
C GLU A 554 17.96 0.82 6.47
N ARG A 555 17.54 2.04 6.83
CA ARG A 555 16.11 2.37 6.86
C ARG A 555 15.51 2.28 5.48
N SER A 556 16.19 2.85 4.48
CA SER A 556 15.65 2.79 3.13
C SER A 556 15.65 1.36 2.59
N ARG A 557 16.63 0.55 2.99
CA ARG A 557 16.64 -0.86 2.62
C ARG A 557 15.48 -1.62 3.26
N ALA A 558 15.18 -1.33 4.52
CA ALA A 558 14.10 -2.05 5.19
C ALA A 558 12.73 -1.62 4.67
N LEU A 559 12.56 -0.33 4.40
CA LEU A 559 11.32 0.12 3.79
C LEU A 559 11.20 -0.40 2.35
N GLY A 560 12.32 -0.62 1.67
CA GLY A 560 12.26 -1.23 0.36
C GLY A 560 11.83 -2.69 0.41
N VAL A 561 12.29 -3.43 1.42
CA VAL A 561 11.83 -4.82 1.58
C VAL A 561 10.37 -4.85 2.02
N ALA A 562 9.95 -3.86 2.81
CA ALA A 562 8.53 -3.71 3.13
C ALA A 562 7.70 -3.50 1.89
N LEU A 563 8.15 -2.61 1.00
CA LEU A 563 7.51 -2.42 -0.29
C LEU A 563 7.53 -3.67 -1.15
N ALA A 564 8.60 -4.47 -1.05
CA ALA A 564 8.69 -5.71 -1.81
C ALA A 564 7.61 -6.69 -1.39
N PHE A 565 7.43 -6.87 -0.08
CA PHE A 565 6.38 -7.78 0.37
C PHE A 565 4.99 -7.22 0.15
N ILE A 566 4.83 -5.89 0.19
CA ILE A 566 3.54 -5.30 -0.14
C ILE A 566 3.20 -5.53 -1.60
N SER A 567 4.17 -5.36 -2.50
CA SER A 567 3.93 -5.58 -3.91
C SER A 567 3.69 -7.05 -4.22
N PHE A 568 4.37 -7.95 -3.50
CA PHE A 568 4.12 -9.37 -3.62
C PHE A 568 2.68 -9.69 -3.27
N GLY A 569 2.24 -9.29 -2.08
CA GLY A 569 0.87 -9.54 -1.67
C GLY A 569 -0.18 -8.77 -2.45
N SER A 570 0.21 -7.73 -3.15
CA SER A 570 -0.77 -6.97 -3.91
C SER A 570 -0.79 -7.34 -5.38
N LEU A 571 0.24 -8.03 -5.89
CA LEU A 571 0.31 -8.34 -7.31
C LEU A 571 0.34 -9.83 -7.59
N VAL A 572 1.17 -10.62 -6.91
CA VAL A 572 1.20 -12.05 -7.23
C VAL A 572 0.15 -12.83 -6.45
N ALA A 573 -0.45 -12.22 -5.45
CA ALA A 573 -1.53 -12.86 -4.72
C ALA A 573 -2.87 -12.96 -5.44
N PRO A 574 -3.31 -12.04 -6.31
CA PRO A 574 -4.52 -12.31 -7.10
C PRO A 574 -4.41 -13.52 -8.03
N PRO A 575 -3.24 -13.87 -8.61
CA PRO A 575 -3.16 -15.21 -9.23
C PRO A 575 -3.38 -16.38 -8.29
N PHE A 576 -2.74 -16.39 -7.13
CA PHE A 576 -2.98 -17.46 -6.15
C PHE A 576 -4.41 -17.44 -5.63
N GLY A 577 -5.01 -16.24 -5.54
CA GLY A 577 -6.38 -16.16 -5.08
C GLY A 577 -7.37 -16.63 -6.12
N GLY A 578 -7.09 -16.37 -7.39
CA GLY A 578 -7.91 -16.93 -8.46
C GLY A 578 -7.81 -18.44 -8.51
N ILE A 579 -6.58 -18.95 -8.43
CA ILE A 579 -6.39 -20.39 -8.56
C ILE A 579 -6.81 -21.14 -7.30
N LEU A 580 -6.97 -20.47 -6.15
CA LEU A 580 -7.55 -21.10 -4.97
C LEU A 580 -8.97 -20.64 -4.67
N TYR A 581 -9.56 -19.80 -5.49
CA TYR A 581 -10.98 -19.52 -5.34
C TYR A 581 -11.84 -20.22 -6.37
N GLU A 582 -11.45 -20.22 -7.65
CA GLU A 582 -12.19 -21.02 -8.61
C GLU A 582 -11.61 -22.43 -8.74
N PHE A 583 -10.83 -22.86 -7.74
CA PHE A 583 -10.58 -24.28 -7.52
C PHE A 583 -10.71 -24.71 -6.07
N ALA A 584 -10.93 -23.79 -5.12
CA ALA A 584 -11.11 -24.23 -3.73
C ALA A 584 -12.15 -23.44 -2.92
N GLY A 585 -12.96 -22.58 -3.54
CA GLY A 585 -13.96 -21.85 -2.77
C GLY A 585 -13.34 -20.73 -1.94
N LYS A 586 -14.03 -20.36 -0.85
CA LYS A 586 -13.50 -19.32 0.03
C LYS A 586 -13.39 -19.72 1.50
N ARG A 587 -13.93 -20.88 1.91
CA ARG A 587 -13.87 -21.24 3.32
C ARG A 587 -12.46 -21.63 3.71
N VAL A 588 -11.95 -22.70 3.13
CA VAL A 588 -10.58 -23.16 3.39
C VAL A 588 -9.46 -22.20 2.96
N PRO A 589 -9.55 -21.38 1.88
CA PRO A 589 -8.45 -20.42 1.66
C PRO A 589 -8.39 -19.33 2.70
N PHE A 590 -9.53 -18.78 3.09
CA PHE A 590 -9.45 -17.71 4.06
C PHE A 590 -9.28 -18.23 5.48
N LEU A 591 -9.64 -19.49 5.75
CA LEU A 591 -9.25 -20.04 7.06
C LEU A 591 -7.78 -20.43 7.12
N VAL A 592 -7.15 -20.88 6.03
CA VAL A 592 -5.70 -21.08 6.11
C VAL A 592 -4.98 -19.73 6.13
N LEU A 593 -5.56 -18.70 5.51
CA LEU A 593 -4.93 -17.39 5.57
C LEU A 593 -5.15 -16.73 6.92
N ALA A 594 -6.29 -16.99 7.56
CA ALA A 594 -6.50 -16.59 8.94
C ALA A 594 -5.58 -17.35 9.88
N ALA A 595 -5.25 -18.61 9.55
CA ALA A 595 -4.28 -19.36 10.33
C ALA A 595 -2.90 -18.72 10.24
N VAL A 596 -2.50 -18.32 9.03
CA VAL A 596 -1.21 -17.65 8.88
C VAL A 596 -1.24 -16.28 9.56
N SER A 597 -2.39 -15.61 9.58
CA SER A 597 -2.50 -14.31 10.23
C SER A 597 -2.37 -14.43 11.75
N LEU A 598 -3.09 -15.38 12.35
CA LEU A 598 -2.99 -15.59 13.79
C LEU A 598 -1.61 -16.07 14.18
N PHE A 599 -1.00 -16.92 13.34
CA PHE A 599 0.32 -17.44 13.63
C PHE A 599 1.39 -16.36 13.50
N ASP A 600 1.21 -15.43 12.57
CA ASP A 600 2.14 -14.32 12.44
C ASP A 600 1.97 -13.33 13.58
N ALA A 601 0.74 -13.14 14.07
CA ALA A 601 0.52 -12.29 15.23
C ALA A 601 1.13 -12.89 16.49
N LEU A 602 0.92 -14.19 16.70
CA LEU A 602 1.48 -14.85 17.87
C LEU A 602 3.00 -15.01 17.75
N LEU A 603 3.53 -15.06 16.54
CA LEU A 603 4.99 -15.05 16.39
C LEU A 603 5.56 -13.68 16.66
N LEU A 604 4.82 -12.61 16.33
CA LEU A 604 5.23 -11.27 16.72
C LEU A 604 5.21 -11.13 18.23
N LEU A 605 4.22 -11.71 18.89
CA LEU A 605 4.24 -11.78 20.36
C LEU A 605 5.39 -12.61 20.88
N ALA A 606 5.79 -13.65 20.16
CA ALA A 606 6.91 -14.48 20.61
C ALA A 606 8.26 -13.81 20.40
N VAL A 607 8.36 -12.85 19.48
CA VAL A 607 9.65 -12.23 19.21
C VAL A 607 9.78 -10.82 19.76
N ALA A 608 8.67 -10.14 20.06
CA ALA A 608 8.74 -8.77 20.57
C ALA A 608 8.40 -8.66 22.04
N LYS A 609 7.39 -9.40 22.49
CA LYS A 609 6.90 -9.51 23.86
C LYS A 609 6.63 -8.14 24.50
N PRO A 610 5.60 -7.40 24.06
CA PRO A 610 5.38 -6.11 24.70
C PRO A 610 4.55 -6.21 25.97
N PRO A 622 7.43 9.84 24.15
CA PRO A 622 6.95 11.14 24.63
C PRO A 622 5.78 11.66 23.81
N VAL A 623 5.45 12.95 23.95
CA VAL A 623 4.34 13.52 23.19
C VAL A 623 4.71 13.59 21.72
N GLY A 624 3.68 13.58 20.87
CA GLY A 624 3.86 13.55 19.45
C GLY A 624 3.49 14.88 18.81
N THR A 625 3.76 14.96 17.53
CA THR A 625 3.28 16.08 16.74
C THR A 625 1.81 15.87 16.43
N PRO A 626 0.95 16.87 16.68
CA PRO A 626 -0.44 16.74 16.26
C PRO A 626 -0.56 16.69 14.76
N ILE A 627 -1.67 16.09 14.30
CA ILE A 627 -2.02 16.14 12.90
C ILE A 627 -2.41 17.57 12.51
N HIS A 628 -2.87 18.35 13.49
CA HIS A 628 -3.10 19.79 13.34
C HIS A 628 -1.81 20.54 13.03
N ARG A 629 -0.66 19.99 13.44
CA ARG A 629 0.64 20.59 13.14
C ARG A 629 1.36 19.90 11.99
N LEU A 630 0.89 18.72 11.55
CA LEU A 630 1.45 18.10 10.36
C LEU A 630 0.76 18.55 9.08
N MET A 631 -0.56 18.75 9.12
CA MET A 631 -1.29 19.17 7.92
C MET A 631 -1.00 20.62 7.53
N LEU A 632 -0.45 21.43 8.43
CA LEU A 632 -0.07 22.78 8.04
C LEU A 632 1.39 22.85 7.59
N ASP A 633 2.16 21.80 7.85
CA ASP A 633 3.53 21.72 7.34
C ASP A 633 3.55 21.58 5.82
N PRO A 634 4.39 22.36 5.11
CA PRO A 634 4.42 22.23 3.65
C PRO A 634 5.07 20.96 3.17
N TYR A 635 6.02 20.41 3.92
CA TYR A 635 6.80 19.30 3.42
C TYR A 635 6.04 17.98 3.58
N ILE A 636 5.39 17.80 4.73
CA ILE A 636 4.47 16.68 4.91
C ILE A 636 3.33 16.75 3.91
N ALA A 637 2.84 17.97 3.63
CA ALA A 637 1.74 18.12 2.68
C ALA A 637 2.16 17.76 1.26
N VAL A 638 3.39 18.11 0.86
CA VAL A 638 3.78 17.75 -0.50
C VAL A 638 4.09 16.26 -0.60
N VAL A 639 4.61 15.64 0.48
CA VAL A 639 4.83 14.20 0.39
C VAL A 639 3.51 13.43 0.47
N ALA A 640 2.53 13.96 1.20
CA ALA A 640 1.22 13.32 1.28
C ALA A 640 0.46 13.46 -0.03
N GLY A 641 0.59 14.62 -0.70
CA GLY A 641 0.04 14.75 -2.03
C GLY A 641 0.73 13.85 -3.02
N ALA A 642 2.02 13.59 -2.82
CA ALA A 642 2.74 12.65 -3.67
C ALA A 642 2.23 11.23 -3.48
N LEU A 643 1.96 10.84 -2.25
CA LEU A 643 1.46 9.49 -2.01
C LEU A 643 0.01 9.34 -2.49
N THR A 644 -0.80 10.40 -2.37
CA THR A 644 -2.14 10.39 -2.94
C THR A 644 -2.11 10.26 -4.46
N THR A 645 -1.27 11.06 -5.11
CA THR A 645 -1.26 11.07 -6.58
C THR A 645 -0.59 9.83 -7.14
N CYS A 646 0.37 9.23 -6.43
CA CYS A 646 0.93 7.97 -6.92
C CYS A 646 0.04 6.79 -6.61
N ASN A 647 -0.84 6.89 -5.62
CA ASN A 647 -1.77 5.80 -5.39
C ASN A 647 -3.05 5.92 -6.20
N ILE A 648 -3.35 7.10 -6.73
CA ILE A 648 -4.57 7.29 -7.53
C ILE A 648 -4.61 6.49 -8.85
N PRO A 649 -3.52 6.11 -9.55
CA PRO A 649 -3.76 5.22 -10.70
C PRO A 649 -4.08 3.80 -10.30
N LEU A 650 -3.42 3.27 -9.27
CA LEU A 650 -3.78 1.96 -8.77
C LEU A 650 -5.14 1.97 -8.08
N ALA A 651 -5.56 3.15 -7.65
CA ALA A 651 -6.93 3.32 -7.15
C ALA A 651 -7.93 3.18 -8.28
N PHE A 652 -7.78 3.99 -9.32
CA PHE A 652 -8.81 4.06 -10.33
C PHE A 652 -8.79 2.85 -11.26
N LEU A 653 -7.63 2.26 -11.53
CA LEU A 653 -7.59 1.26 -12.59
C LEU A 653 -8.12 -0.11 -12.17
N GLU A 654 -7.92 -0.52 -10.91
CA GLU A 654 -8.14 -1.92 -10.56
C GLU A 654 -9.59 -2.43 -10.65
N PRO A 655 -10.65 -1.67 -10.38
CA PRO A 655 -11.97 -2.10 -10.82
C PRO A 655 -12.37 -1.65 -12.22
N THR A 656 -11.44 -1.08 -12.98
CA THR A 656 -11.74 -0.47 -14.27
C THR A 656 -10.98 -1.14 -15.41
N ILE A 657 -9.84 -1.77 -15.11
CA ILE A 657 -9.09 -2.53 -16.10
C ILE A 657 -9.91 -3.68 -16.66
N ALA A 658 -10.79 -4.27 -15.85
CA ALA A 658 -11.62 -5.39 -16.30
C ALA A 658 -12.57 -4.99 -17.41
N THR A 659 -13.36 -3.93 -17.20
CA THR A 659 -14.27 -3.50 -18.25
C THR A 659 -13.55 -2.90 -19.45
N TRP A 660 -12.31 -2.44 -19.27
CA TRP A 660 -11.56 -1.96 -20.42
C TRP A 660 -11.01 -3.12 -21.24
N MET A 661 -10.68 -4.24 -20.58
CA MET A 661 -10.39 -5.48 -21.30
C MET A 661 -11.60 -5.94 -22.10
N LYS A 662 -12.77 -5.90 -21.47
CA LYS A 662 -13.99 -6.37 -22.12
C LYS A 662 -14.36 -5.49 -23.31
N HIS A 663 -14.24 -4.18 -23.15
CA HIS A 663 -14.64 -3.26 -24.21
C HIS A 663 -13.62 -3.27 -25.35
N THR A 664 -12.36 -3.03 -25.03
CA THR A 664 -11.37 -2.86 -26.09
C THR A 664 -10.79 -4.18 -26.58
N MET A 665 -10.25 -4.97 -25.66
CA MET A 665 -9.40 -6.10 -26.03
C MET A 665 -10.19 -7.40 -26.23
N ALA A 666 -11.40 -7.48 -25.69
CA ALA A 666 -12.27 -8.67 -25.68
C ALA A 666 -11.58 -9.84 -24.98
N ALA A 667 -11.40 -9.68 -23.67
CA ALA A 667 -10.69 -10.63 -22.84
C ALA A 667 -11.66 -11.59 -22.14
N SER A 668 -11.11 -12.43 -21.28
CA SER A 668 -11.81 -13.57 -20.69
C SER A 668 -11.24 -13.83 -19.28
N GLU A 669 -11.49 -15.05 -18.77
CA GLU A 669 -11.13 -15.38 -17.39
C GLU A 669 -9.62 -15.44 -17.20
N TRP A 670 -8.94 -16.19 -18.06
CA TRP A 670 -7.50 -16.42 -17.94
C TRP A 670 -6.68 -15.18 -18.28
N GLU A 671 -7.27 -14.18 -18.91
CA GLU A 671 -6.51 -13.09 -19.50
C GLU A 671 -6.40 -11.89 -18.56
N MET A 672 -7.54 -11.33 -18.15
CA MET A 672 -7.53 -10.11 -17.35
C MET A 672 -7.11 -10.34 -15.91
N GLY A 673 -7.09 -11.59 -15.44
CA GLY A 673 -6.82 -11.83 -14.04
C GLY A 673 -5.36 -11.86 -13.69
N MET A 674 -4.51 -12.28 -14.62
CA MET A 674 -3.07 -12.36 -14.39
C MET A 674 -2.32 -11.29 -15.17
N ALA A 675 -3.00 -10.23 -15.57
CA ALA A 675 -2.36 -9.09 -16.21
C ALA A 675 -1.73 -8.14 -15.20
N TRP A 676 -1.88 -8.41 -13.91
CA TRP A 676 -1.18 -7.69 -12.86
C TRP A 676 0.01 -8.45 -12.31
N LEU A 677 0.07 -9.76 -12.55
CA LEU A 677 1.22 -10.57 -12.13
C LEU A 677 2.56 -10.09 -12.66
N PRO A 678 2.79 -9.89 -13.98
CA PRO A 678 4.16 -9.60 -14.42
C PRO A 678 4.68 -8.23 -14.02
N ALA A 679 3.87 -7.39 -13.37
CA ALA A 679 4.33 -6.13 -12.83
C ALA A 679 4.94 -6.27 -11.44
N PHE A 680 5.05 -7.48 -10.90
CA PHE A 680 5.74 -7.64 -9.62
C PHE A 680 7.25 -7.58 -9.78
N VAL A 681 7.77 -8.27 -10.79
CA VAL A 681 9.23 -8.40 -10.93
C VAL A 681 9.92 -7.09 -11.31
N PRO A 682 9.34 -6.21 -12.16
CA PRO A 682 9.93 -4.87 -12.26
C PRO A 682 9.85 -4.05 -10.98
N HIS A 683 8.74 -4.15 -10.23
CA HIS A 683 8.48 -3.34 -9.03
C HIS A 683 9.63 -3.42 -8.05
N VAL A 684 9.91 -4.64 -7.58
CA VAL A 684 11.01 -4.87 -6.63
C VAL A 684 12.34 -4.46 -7.24
N LEU A 685 12.51 -4.65 -8.55
CA LEU A 685 13.74 -4.24 -9.20
C LEU A 685 13.86 -2.74 -9.19
N GLY A 686 12.73 -2.05 -9.42
CA GLY A 686 12.71 -0.61 -9.28
C GLY A 686 13.01 -0.18 -7.86
N VAL A 687 12.51 -0.96 -6.89
CA VAL A 687 12.81 -0.74 -5.48
C VAL A 687 14.30 -0.78 -5.24
N TYR A 688 14.98 -1.75 -5.88
CA TYR A 688 16.41 -1.92 -5.70
C TYR A 688 17.18 -0.69 -6.14
N LEU A 689 16.71 -0.06 -7.23
CA LEU A 689 17.32 1.19 -7.70
C LEU A 689 17.25 2.24 -6.61
N THR A 690 16.06 2.50 -6.12
CA THR A 690 15.90 3.47 -5.06
C THR A 690 16.07 2.85 -3.69
N VAL A 691 16.78 1.74 -3.60
CA VAL A 691 17.52 1.39 -2.40
C VAL A 691 19.00 1.68 -2.60
N ARG A 692 19.55 1.26 -3.74
CA ARG A 692 20.98 1.40 -4.01
C ARG A 692 21.36 2.86 -4.14
N LEU A 693 20.56 3.62 -4.88
CA LEU A 693 20.73 5.05 -5.00
C LEU A 693 20.44 5.79 -3.70
N ALA A 694 19.78 5.14 -2.74
CA ALA A 694 19.68 5.75 -1.41
C ALA A 694 21.05 5.86 -0.74
N ALA A 695 21.96 4.94 -1.05
CA ALA A 695 23.29 4.96 -0.46
C ALA A 695 24.34 5.58 -1.37
N ARG A 696 24.23 5.41 -2.68
CA ARG A 696 25.22 5.96 -3.60
C ARG A 696 25.12 7.48 -3.67
N TYR A 697 23.99 7.98 -4.16
CA TYR A 697 23.78 9.42 -4.35
C TYR A 697 22.53 9.82 -3.57
N PRO A 698 22.65 10.09 -2.27
CA PRO A 698 21.49 10.50 -1.47
C PRO A 698 21.17 11.98 -1.53
N HIS A 699 21.85 12.74 -2.40
CA HIS A 699 21.62 14.17 -2.55
C HIS A 699 20.21 14.48 -3.02
N LEU A 700 19.91 14.19 -4.27
CA LEU A 700 18.65 14.59 -4.88
C LEU A 700 17.66 13.43 -4.89
N GLN A 701 17.37 12.91 -3.68
CA GLN A 701 16.41 11.81 -3.53
C GLN A 701 15.03 12.22 -4.01
N TRP A 702 14.64 13.47 -3.77
CA TRP A 702 13.38 13.99 -4.28
C TRP A 702 13.32 13.97 -5.80
N LEU A 703 14.48 14.13 -6.47
CA LEU A 703 14.56 13.84 -7.89
C LEU A 703 14.13 12.42 -8.18
N TYR A 704 14.79 11.44 -7.55
CA TYR A 704 14.35 10.06 -7.67
C TYR A 704 13.13 9.74 -6.82
N GLY A 705 12.44 10.74 -6.27
CA GLY A 705 11.04 10.59 -5.96
C GLY A 705 10.22 10.96 -7.16
N ALA A 706 10.41 12.20 -7.64
CA ALA A 706 9.51 12.80 -8.63
C ALA A 706 9.62 12.13 -9.98
N LEU A 707 10.81 11.62 -10.31
CA LEU A 707 11.04 10.80 -11.50
C LEU A 707 10.05 9.65 -11.57
N GLY A 708 9.81 8.99 -10.43
CA GLY A 708 8.80 7.95 -10.37
C GLY A 708 7.43 8.45 -10.77
N LEU A 709 7.03 9.61 -10.23
CA LEU A 709 5.75 10.21 -10.61
C LEU A 709 5.72 10.54 -12.09
N ALA A 710 6.86 10.98 -12.63
CA ALA A 710 6.93 11.33 -14.04
C ALA A 710 6.72 10.11 -14.90
N VAL A 711 7.21 8.94 -14.48
CA VAL A 711 7.01 7.80 -15.35
C VAL A 711 5.61 7.23 -15.15
N ILE A 712 4.95 7.57 -14.04
CA ILE A 712 3.53 7.30 -13.93
C ILE A 712 2.77 8.13 -14.95
N GLY A 713 3.24 9.37 -15.19
CA GLY A 713 2.73 10.15 -16.30
C GLY A 713 2.97 9.48 -17.63
N ALA A 714 4.09 8.76 -17.76
CA ALA A 714 4.30 7.92 -18.93
C ALA A 714 3.24 6.84 -19.01
N SER A 715 2.91 6.24 -17.86
CA SER A 715 1.76 5.35 -17.79
C SER A 715 0.47 6.07 -18.14
N SER A 716 0.34 7.33 -17.71
CA SER A 716 -0.83 8.11 -18.08
C SER A 716 -0.89 8.47 -19.56
N CYS A 717 0.21 8.25 -20.29
CA CYS A 717 0.17 8.31 -21.75
C CYS A 717 0.06 6.94 -22.39
N ILE A 718 0.59 5.88 -21.76
CA ILE A 718 0.80 4.64 -22.48
C ILE A 718 -0.31 3.63 -22.24
N VAL A 719 -1.14 3.82 -21.22
CA VAL A 719 -2.23 2.89 -20.94
C VAL A 719 -3.28 2.83 -22.06
N PRO A 720 -3.95 3.90 -22.51
CA PRO A 720 -5.08 3.71 -23.42
C PRO A 720 -4.71 3.41 -24.86
N ALA A 721 -3.46 3.05 -25.17
CA ALA A 721 -3.04 2.72 -26.53
C ALA A 721 -2.34 1.37 -26.57
N CYS A 722 -2.91 0.37 -25.89
CA CYS A 722 -2.32 -0.96 -25.82
C CYS A 722 -3.09 -1.90 -26.73
N ARG A 723 -2.39 -2.54 -27.66
CA ARG A 723 -3.03 -3.28 -28.74
C ARG A 723 -3.09 -4.78 -28.51
N SER A 724 -2.39 -5.30 -27.50
CA SER A 724 -2.50 -6.71 -27.14
C SER A 724 -2.21 -6.85 -25.66
N PHE A 725 -1.92 -8.09 -25.23
CA PHE A 725 -1.68 -8.37 -23.82
C PHE A 725 -0.34 -7.80 -23.36
N ALA A 726 0.67 -7.90 -24.20
CA ALA A 726 2.00 -7.39 -23.87
C ALA A 726 2.11 -5.86 -23.69
N PRO A 727 1.47 -5.00 -24.49
CA PRO A 727 1.59 -3.56 -24.18
C PRO A 727 0.91 -3.15 -22.89
N LEU A 728 -0.25 -3.74 -22.56
CA LEU A 728 -0.86 -3.41 -21.29
C LEU A 728 -0.08 -3.99 -20.12
N VAL A 729 0.54 -5.16 -20.29
CA VAL A 729 1.40 -5.71 -19.25
C VAL A 729 2.61 -4.83 -19.01
N VAL A 730 3.28 -4.36 -20.06
CA VAL A 730 4.44 -3.51 -19.85
C VAL A 730 4.03 -2.12 -19.36
N SER A 731 2.80 -1.69 -19.66
CA SER A 731 2.31 -0.43 -19.11
C SER A 731 2.10 -0.54 -17.60
N LEU A 732 1.50 -1.64 -17.16
CA LEU A 732 1.31 -1.83 -15.72
C LEU A 732 2.63 -2.11 -15.02
N CYS A 733 3.60 -2.70 -15.74
CA CYS A 733 4.95 -2.82 -15.21
C CYS A 733 5.56 -1.46 -14.97
N GLY A 734 5.40 -0.54 -15.92
CA GLY A 734 5.85 0.82 -15.69
C GLY A 734 5.10 1.52 -14.58
N LEU A 735 3.82 1.19 -14.41
CA LEU A 735 3.02 1.80 -13.34
C LEU A 735 3.48 1.33 -11.96
N CYS A 736 3.65 0.02 -11.79
CA CYS A 736 4.17 -0.50 -10.53
C CYS A 736 5.63 -0.09 -10.31
N PHE A 737 6.39 0.06 -11.40
CA PHE A 737 7.77 0.53 -11.33
C PHE A 737 7.83 1.95 -10.78
N GLY A 738 6.96 2.82 -11.28
CA GLY A 738 6.96 4.20 -10.83
C GLY A 738 6.45 4.35 -9.40
N ILE A 739 5.42 3.60 -9.03
CA ILE A 739 4.96 3.75 -7.64
C ILE A 739 5.92 3.07 -6.68
N ALA A 740 6.66 2.06 -7.14
CA ALA A 740 7.75 1.49 -6.35
C ALA A 740 8.82 2.53 -6.08
N LEU A 741 9.21 3.27 -7.11
CA LEU A 741 10.16 4.36 -6.94
C LEU A 741 9.64 5.43 -5.99
N VAL A 742 8.36 5.78 -6.11
CA VAL A 742 7.80 6.86 -5.29
C VAL A 742 7.66 6.44 -3.84
N ASP A 743 7.18 5.21 -3.58
CA ASP A 743 7.01 4.77 -2.19
C ASP A 743 8.35 4.46 -1.55
N THR A 744 9.27 3.82 -2.28
CA THR A 744 10.56 3.48 -1.72
C THR A 744 11.46 4.72 -1.59
N ALA A 745 11.15 5.79 -2.30
CA ALA A 745 11.90 7.03 -2.15
C ALA A 745 11.20 8.07 -1.33
N LEU A 746 9.94 7.85 -0.92
CA LEU A 746 9.23 8.84 -0.14
C LEU A 746 8.68 8.34 1.19
N LEU A 747 8.74 7.06 1.48
CA LEU A 747 8.54 6.61 2.85
C LEU A 747 9.77 6.78 3.74
N PRO A 748 11.02 6.53 3.29
CA PRO A 748 12.15 6.89 4.17
C PRO A 748 12.31 8.37 4.42
N THR A 749 12.12 9.23 3.41
CA THR A 749 12.27 10.64 3.67
C THR A 749 11.11 11.22 4.45
N LEU A 750 10.00 10.51 4.55
CA LEU A 750 8.90 10.91 5.42
C LEU A 750 9.28 10.74 6.89
N ALA A 751 9.89 9.61 7.24
CA ALA A 751 10.44 9.43 8.57
C ALA A 751 11.62 10.36 8.82
N PHE A 752 12.43 10.65 7.79
CA PHE A 752 13.51 11.61 7.94
C PHE A 752 12.97 13.02 8.18
N LEU A 753 11.84 13.34 7.57
CA LEU A 753 11.22 14.65 7.75
C LEU A 753 10.63 14.82 9.13
N VAL A 754 9.94 13.79 9.64
CA VAL A 754 9.44 13.87 11.01
C VAL A 754 10.57 13.71 12.02
N ASP A 755 11.71 13.14 11.62
CA ASP A 755 12.90 13.14 12.47
C ASP A 755 13.44 14.56 12.62
N VAL A 756 13.75 15.19 11.51
CA VAL A 756 14.46 16.47 11.55
C VAL A 756 13.53 17.59 11.98
N ARG A 757 12.41 17.77 11.28
CA ARG A 757 11.61 18.96 11.50
C ARG A 757 10.69 18.81 12.71
N HIS A 758 10.26 17.60 13.03
CA HIS A 758 9.24 17.39 14.07
C HIS A 758 9.81 16.48 15.16
N VAL A 759 8.95 16.04 16.07
CA VAL A 759 9.37 15.10 17.11
C VAL A 759 9.46 13.71 16.50
N SER A 760 10.38 12.89 17.02
CA SER A 760 10.76 11.64 16.37
C SER A 760 9.85 10.48 16.79
N VAL A 761 8.58 10.59 16.39
CA VAL A 761 7.64 9.49 16.49
C VAL A 761 7.08 9.25 15.08
N TYR A 762 6.71 8.00 14.81
CA TYR A 762 6.45 7.56 13.44
C TYR A 762 5.02 7.10 13.22
N GLY A 763 4.16 7.20 14.22
CA GLY A 763 2.80 6.74 14.04
C GLY A 763 1.93 7.72 13.28
N SER A 764 1.99 9.00 13.66
CA SER A 764 1.12 9.99 13.03
C SER A 764 1.57 10.31 11.62
N VAL A 765 2.87 10.22 11.33
CA VAL A 765 3.33 10.62 10.01
C VAL A 765 3.04 9.55 8.97
N TYR A 766 3.14 8.28 9.34
CA TYR A 766 2.64 7.28 8.41
C TYR A 766 1.14 7.13 8.51
N ALA A 767 0.51 7.67 9.55
CA ALA A 767 -0.95 7.82 9.48
C ALA A 767 -1.31 8.85 8.42
N ILE A 768 -0.49 9.89 8.24
CA ILE A 768 -0.69 10.82 7.13
C ILE A 768 -0.48 10.12 5.78
N ALA A 769 0.58 9.31 5.69
CA ALA A 769 0.82 8.51 4.48
C ALA A 769 -0.35 7.57 4.17
N ASP A 770 -0.91 6.97 5.20
CA ASP A 770 -2.00 6.04 4.99
C ASP A 770 -3.32 6.75 4.75
N ILE A 771 -3.48 7.99 5.24
CA ILE A 771 -4.57 8.87 4.80
C ILE A 771 -4.48 9.13 3.31
N SER A 772 -3.27 9.35 2.80
CA SER A 772 -3.08 9.58 1.37
C SER A 772 -3.48 8.36 0.55
N TYR A 773 -2.91 7.20 0.90
CA TYR A 773 -3.29 5.92 0.32
C TYR A 773 -4.79 5.66 0.41
N SER A 774 -5.39 6.04 1.53
CA SER A 774 -6.79 5.74 1.76
C SER A 774 -7.71 6.67 0.98
N VAL A 775 -7.31 7.93 0.79
CA VAL A 775 -8.18 8.83 0.06
C VAL A 775 -8.11 8.51 -1.43
N ALA A 776 -6.98 7.96 -1.88
CA ALA A 776 -6.93 7.45 -3.24
C ALA A 776 -7.84 6.24 -3.40
N TYR A 777 -7.66 5.20 -2.57
CA TYR A 777 -8.48 4.00 -2.72
C TYR A 777 -9.93 4.18 -2.26
N ALA A 778 -10.28 5.32 -1.69
CA ALA A 778 -11.68 5.64 -1.38
C ALA A 778 -12.34 6.47 -2.45
N LEU A 779 -11.59 7.34 -3.14
CA LEU A 779 -12.15 7.95 -4.34
C LEU A 779 -12.18 6.98 -5.51
N GLY A 780 -11.49 5.85 -5.42
CA GLY A 780 -11.40 4.94 -6.53
C GLY A 780 -12.69 4.26 -7.00
N PRO A 781 -13.19 3.29 -6.22
CA PRO A 781 -14.28 2.44 -6.72
C PRO A 781 -15.64 3.09 -6.75
N ILE A 782 -15.86 4.23 -6.10
CA ILE A 782 -17.13 4.92 -6.26
C ILE A 782 -17.22 5.60 -7.62
N VAL A 783 -16.21 6.40 -7.99
CA VAL A 783 -16.36 7.24 -9.17
C VAL A 783 -15.73 6.67 -10.43
N ALA A 784 -14.85 5.67 -10.30
CA ALA A 784 -14.05 5.21 -11.43
C ALA A 784 -14.92 4.57 -12.50
N GLY A 785 -15.74 3.60 -12.11
CA GLY A 785 -16.55 2.87 -13.08
C GLY A 785 -17.62 3.74 -13.71
N HIS A 786 -18.18 4.69 -12.95
CA HIS A 786 -19.22 5.50 -13.56
C HIS A 786 -18.65 6.62 -14.43
N ILE A 787 -17.42 7.09 -14.19
CA ILE A 787 -16.91 8.04 -15.17
C ILE A 787 -16.38 7.33 -16.40
N VAL A 788 -15.94 6.08 -16.28
CA VAL A 788 -15.53 5.37 -17.48
C VAL A 788 -16.75 4.90 -18.28
N HIS A 789 -17.88 4.68 -17.61
CA HIS A 789 -19.14 4.55 -18.34
C HIS A 789 -19.52 5.87 -19.00
N SER A 790 -19.43 6.98 -18.27
CA SER A 790 -19.93 8.23 -18.81
C SER A 790 -18.91 8.90 -19.72
N LEU A 791 -17.78 9.33 -19.15
CA LEU A 791 -16.81 10.09 -19.93
C LEU A 791 -16.02 9.18 -20.86
N GLY A 792 -15.53 8.07 -20.32
CA GLY A 792 -14.74 7.10 -21.04
C GLY A 792 -13.47 6.81 -20.30
N PHE A 793 -12.60 6.04 -20.93
CA PHE A 793 -11.36 5.63 -20.27
C PHE A 793 -10.16 6.48 -20.65
N GLU A 794 -10.13 7.00 -21.89
CA GLU A 794 -9.05 7.94 -22.23
C GLU A 794 -9.20 9.23 -21.46
N GLN A 795 -10.42 9.60 -21.06
CA GLN A 795 -10.61 10.77 -20.20
C GLN A 795 -10.05 10.53 -18.81
N LEU A 796 -10.16 9.31 -18.30
CA LEU A 796 -9.58 8.99 -17.00
C LEU A 796 -8.05 8.91 -17.09
N SER A 797 -7.52 8.41 -18.20
CA SER A 797 -6.06 8.39 -18.37
C SER A 797 -5.50 9.80 -18.52
N LEU A 798 -6.18 10.67 -19.28
CA LEU A 798 -5.77 12.05 -19.37
C LEU A 798 -6.03 12.81 -18.09
N GLY A 799 -6.97 12.36 -17.25
CA GLY A 799 -7.12 12.94 -15.94
C GLY A 799 -5.96 12.58 -15.03
N MET A 800 -5.49 11.34 -15.11
CA MET A 800 -4.25 10.95 -14.44
C MET A 800 -3.07 11.75 -14.97
N GLY A 801 -3.06 12.01 -16.27
CA GLY A 801 -2.01 12.82 -16.86
C GLY A 801 -2.03 14.26 -16.38
N LEU A 802 -3.22 14.85 -16.31
CA LEU A 802 -3.35 16.23 -15.83
C LEU A 802 -3.01 16.35 -14.35
N ALA A 803 -3.43 15.37 -13.55
CA ALA A 803 -3.11 15.39 -12.12
C ALA A 803 -1.62 15.21 -11.88
N ASN A 804 -1.00 14.23 -12.54
CA ASN A 804 0.41 13.97 -12.27
C ASN A 804 1.30 15.01 -12.93
N LEU A 805 0.88 15.63 -14.03
CA LEU A 805 1.69 16.66 -14.65
C LEU A 805 1.36 18.06 -14.14
N LEU A 806 0.33 18.22 -13.32
CA LEU A 806 0.26 19.37 -12.43
C LEU A 806 0.89 19.12 -11.08
N TYR A 807 1.24 17.87 -10.74
CA TYR A 807 1.85 17.61 -9.46
C TYR A 807 3.35 17.33 -9.50
N ALA A 808 3.89 16.85 -10.61
CA ALA A 808 5.30 16.43 -10.65
C ALA A 808 6.35 17.53 -10.39
N PRO A 809 6.17 18.79 -10.78
CA PRO A 809 7.10 19.82 -10.28
C PRO A 809 6.80 20.32 -8.89
N VAL A 810 5.77 19.84 -8.20
CA VAL A 810 5.54 20.28 -6.82
C VAL A 810 6.53 19.60 -5.88
N LEU A 811 7.16 18.51 -6.33
CA LEU A 811 8.26 17.88 -5.59
C LEU A 811 9.53 18.72 -5.58
N LEU A 812 9.58 19.85 -6.29
CA LEU A 812 10.62 20.84 -6.09
C LEU A 812 10.56 21.50 -4.70
N LEU A 813 9.45 21.35 -3.96
CA LEU A 813 9.31 21.94 -2.63
C LEU A 813 10.19 21.26 -1.58
N LEU A 814 10.85 20.16 -1.92
CA LEU A 814 11.74 19.45 -1.01
C LEU A 814 13.20 19.74 -1.35
N ARG A 815 13.50 21.00 -1.68
CA ARG A 815 14.68 21.32 -2.49
C ARG A 815 15.98 21.27 -1.68
N ASN A 816 15.93 21.73 -0.43
CA ASN A 816 17.13 21.75 0.43
C ASN A 816 16.96 20.88 1.66
N VAL A 817 16.00 19.95 1.63
CA VAL A 817 15.65 19.20 2.83
C VAL A 817 16.70 18.14 3.15
N GLY A 818 17.28 17.54 2.11
CA GLY A 818 18.21 16.41 2.25
C GLY A 818 19.53 16.70 2.94
N LEU A 819 19.78 17.94 3.36
CA LEU A 819 20.99 18.29 4.10
C LEU A 819 20.93 17.71 5.51
#